data_4UF1
#
_entry.id   4UF1
#
_cell.length_a   93.260
_cell.length_b   93.260
_cell.length_c   45.620
_cell.angle_alpha   90.00
_cell.angle_beta   90.00
_cell.angle_gamma   90.00
#
_symmetry.space_group_name_H-M   'P 41 21 2'
#
loop_
_entity.id
_entity.type
_entity.pdbx_description
1 polymer 'Antiapoptotic membrane protein'
2 polymer 'Bcl-2 homologous antagonist/killer'
3 non-polymer 'SULFATE ION'
4 water water
#
loop_
_entity_poly.entity_id
_entity_poly.type
_entity_poly.pdbx_seq_one_letter_code
_entity_poly.pdbx_strand_id
1 'polypeptide(L)'
;MGSSHHHHHHSQDMEAAIEFDEIVKKLLNIYINDICTTGEKRLLNNYEKSILDRIYKSCEYIKKNYELDFNSMYNQININ
NITTSDIKSKIIEALLIDSRPSVKLATLSFISLIAEKWGEKNRAKIMEILSNEIVEKISNNGKDFIDFIDRDDDDIVDDY
VLITNYLK
;
A
2 'polypeptide(L)' PSSTMGQVGRQLAIIGDDINRRYDSE B
#
# COMPACT_ATOMS: atom_id res chain seq x y z
N ALA A 16 10.87 -3.58 39.99
CA ALA A 16 11.56 -4.84 40.24
C ALA A 16 12.30 -5.31 38.98
N ALA A 17 11.72 -6.27 38.27
CA ALA A 17 12.27 -6.75 37.01
C ALA A 17 11.54 -6.09 35.86
N ILE A 18 12.21 -5.16 35.18
CA ILE A 18 11.59 -4.34 34.15
C ILE A 18 12.01 -4.76 32.75
N GLU A 19 12.89 -5.75 32.64
CA GLU A 19 13.60 -6.00 31.39
C GLU A 19 12.71 -6.61 30.30
N PHE A 20 11.47 -6.98 30.63
CA PHE A 20 10.51 -7.49 29.64
C PHE A 20 9.33 -6.54 29.43
N ASP A 21 9.38 -5.36 30.04
CA ASP A 21 8.27 -4.42 29.95
C ASP A 21 7.98 -3.98 28.51
N GLU A 22 9.03 -3.63 27.77
CA GLU A 22 8.85 -3.15 26.41
C GLU A 22 8.39 -4.25 25.46
N ILE A 23 8.82 -5.48 25.71
CA ILE A 23 8.39 -6.62 24.90
C ILE A 23 6.88 -6.83 25.05
N VAL A 24 6.40 -6.78 26.29
CA VAL A 24 4.98 -6.98 26.54
C VAL A 24 4.18 -5.88 25.84
N LYS A 25 4.58 -4.63 26.02
CA LYS A 25 3.90 -3.51 25.38
C LYS A 25 3.84 -3.66 23.87
N LYS A 26 4.96 -4.09 23.28
CA LYS A 26 5.03 -4.26 21.83
C LYS A 26 4.11 -5.38 21.34
N LEU A 27 4.12 -6.51 22.04
CA LEU A 27 3.34 -7.66 21.62
C LEU A 27 1.85 -7.44 21.85
N LEU A 28 1.50 -6.61 22.83
CA LEU A 28 0.09 -6.31 23.10
C LEU A 28 -0.50 -5.43 22.01
N ASN A 29 0.29 -4.50 21.49
CA ASN A 29 -0.17 -3.66 20.38
C ASN A 29 -0.38 -4.48 19.11
N ILE A 30 0.58 -5.36 18.79
CA ILE A 30 0.44 -6.24 17.63
C ILE A 30 -0.78 -7.14 17.81
N TYR A 31 -0.95 -7.66 19.01
CA TYR A 31 -2.02 -8.62 19.27
C TYR A 31 -3.40 -8.00 19.08
N ILE A 32 -3.63 -6.83 19.67
CA ILE A 32 -4.95 -6.23 19.65
C ILE A 32 -5.25 -5.60 18.28
N ASN A 33 -4.22 -5.12 17.57
CA ASN A 33 -4.42 -4.66 16.20
C ASN A 33 -4.90 -5.80 15.30
N ASP A 34 -4.39 -7.00 15.55
CA ASP A 34 -4.77 -8.16 14.75
C ASP A 34 -6.21 -8.59 15.06
N ILE A 35 -6.61 -8.55 16.33
CA ILE A 35 -7.97 -8.91 16.71
C ILE A 35 -8.94 -7.92 16.08
N CYS A 36 -8.55 -6.65 16.03
CA CYS A 36 -9.33 -5.61 15.37
C CYS A 36 -9.61 -5.98 13.92
N THR A 37 -8.58 -6.39 13.20
CA THR A 37 -8.71 -6.80 11.81
C THR A 37 -9.72 -7.94 11.68
N THR A 38 -9.58 -8.92 12.58
CA THR A 38 -10.46 -10.08 12.60
C THR A 38 -11.90 -9.65 12.85
N GLY A 39 -12.09 -8.76 13.82
CA GLY A 39 -13.40 -8.20 14.11
C GLY A 39 -13.98 -7.50 12.90
N GLU A 40 -13.11 -6.86 12.12
CA GLU A 40 -13.53 -6.13 10.92
C GLU A 40 -13.89 -7.09 9.78
N LYS A 41 -13.04 -8.09 9.56
CA LYS A 41 -13.27 -9.08 8.52
C LYS A 41 -14.55 -9.88 8.77
N ARG A 42 -14.84 -10.13 10.05
CA ARG A 42 -15.97 -10.95 10.44
C ARG A 42 -17.30 -10.34 9.99
N LEU A 43 -17.36 -9.02 9.90
CA LEU A 43 -18.60 -8.32 9.57
C LEU A 43 -18.73 -8.03 8.07
N LEU A 44 -17.69 -8.35 7.30
CA LEU A 44 -17.77 -8.30 5.84
C LEU A 44 -18.71 -9.40 5.36
N ASN A 45 -19.51 -9.12 4.33
CA ASN A 45 -20.29 -10.18 3.72
C ASN A 45 -19.42 -10.92 2.71
N ASN A 46 -19.95 -11.99 2.11
CA ASN A 46 -19.16 -12.86 1.27
C ASN A 46 -18.61 -12.16 0.03
N TYR A 47 -19.39 -11.24 -0.53
CA TYR A 47 -18.93 -10.50 -1.70
C TYR A 47 -17.71 -9.67 -1.32
N GLU A 48 -17.77 -9.00 -0.17
CA GLU A 48 -16.67 -8.19 0.30
C GLU A 48 -15.43 -9.05 0.60
N LYS A 49 -15.64 -10.20 1.23
CA LYS A 49 -14.54 -11.11 1.52
C LYS A 49 -13.87 -11.58 0.23
N SER A 50 -14.66 -11.77 -0.82
CA SER A 50 -14.11 -12.23 -2.10
C SER A 50 -13.28 -11.13 -2.78
N ILE A 51 -13.74 -9.88 -2.68
CA ILE A 51 -12.99 -8.76 -3.26
C ILE A 51 -11.68 -8.57 -2.48
N LEU A 52 -11.77 -8.62 -1.15
CA LEU A 52 -10.60 -8.44 -0.30
C LEU A 52 -9.55 -9.49 -0.64
N ASP A 53 -9.99 -10.72 -0.87
CA ASP A 53 -9.08 -11.80 -1.26
C ASP A 53 -8.42 -11.50 -2.60
N ARG A 54 -9.18 -10.95 -3.54
CA ARG A 54 -8.62 -10.58 -4.84
C ARG A 54 -7.55 -9.51 -4.67
N ILE A 55 -7.76 -8.62 -3.70
CA ILE A 55 -6.79 -7.56 -3.42
C ILE A 55 -5.49 -8.14 -2.87
N TYR A 56 -5.58 -9.07 -1.91
CA TYR A 56 -4.39 -9.73 -1.37
C TYR A 56 -3.59 -10.36 -2.49
N LYS A 57 -4.27 -11.11 -3.35
CA LYS A 57 -3.62 -11.90 -4.40
C LYS A 57 -3.00 -11.04 -5.50
N SER A 58 -3.73 -10.03 -5.95
CA SER A 58 -3.25 -9.18 -7.03
C SER A 58 -2.00 -8.42 -6.57
N CYS A 59 -2.07 -7.88 -5.36
CA CYS A 59 -0.95 -7.12 -4.80
C CYS A 59 0.28 -7.99 -4.57
N GLU A 60 0.07 -9.22 -4.12
CA GLU A 60 1.19 -10.14 -3.94
C GLU A 60 1.81 -10.46 -5.30
N TYR A 61 0.96 -10.66 -6.30
CA TYR A 61 1.44 -10.91 -7.66
C TYR A 61 2.29 -9.75 -8.18
N ILE A 62 1.78 -8.53 -8.02
CA ILE A 62 2.47 -7.35 -8.51
C ILE A 62 3.78 -7.11 -7.75
N LYS A 63 3.75 -7.32 -6.43
CA LYS A 63 4.94 -7.12 -5.61
C LYS A 63 6.03 -8.12 -5.98
N LYS A 64 5.65 -9.33 -6.35
CA LYS A 64 6.61 -10.36 -6.74
C LYS A 64 7.20 -10.09 -8.12
N ASN A 65 6.37 -9.61 -9.04
CA ASN A 65 6.76 -9.48 -10.44
C ASN A 65 7.50 -8.19 -10.77
N TYR A 66 7.38 -7.19 -9.89
CA TYR A 66 8.04 -5.89 -10.09
C TYR A 66 8.91 -5.57 -8.89
N GLU A 67 9.51 -6.62 -8.32
CA GLU A 67 10.25 -6.52 -7.07
C GLU A 67 11.37 -5.48 -7.11
N LEU A 68 12.17 -5.51 -8.17
CA LEU A 68 13.29 -4.58 -8.27
C LEU A 68 12.82 -3.15 -8.51
N ASP A 69 11.84 -2.98 -9.38
CA ASP A 69 11.22 -1.67 -9.58
C ASP A 69 10.81 -1.09 -8.23
N PHE A 70 10.13 -1.90 -7.45
CA PHE A 70 9.61 -1.48 -6.15
C PHE A 70 10.73 -1.24 -5.14
N ASN A 71 11.81 -2.00 -5.24
CA ASN A 71 12.95 -1.83 -4.35
C ASN A 71 13.63 -0.48 -4.62
N SER A 72 13.80 -0.17 -5.90
CA SER A 72 14.33 1.13 -6.31
C SER A 72 13.45 2.27 -5.81
N MET A 73 12.13 2.12 -6.01
CA MET A 73 11.18 3.12 -5.55
C MET A 73 11.20 3.22 -4.04
N TYR A 74 11.37 2.09 -3.38
CA TYR A 74 11.40 2.05 -1.93
C TYR A 74 12.59 2.83 -1.38
N ASN A 75 13.76 2.66 -2.00
CA ASN A 75 14.96 3.35 -1.55
C ASN A 75 14.84 4.87 -1.73
N GLN A 76 13.95 5.29 -2.63
CA GLN A 76 13.74 6.71 -2.87
C GLN A 76 13.02 7.38 -1.70
N ILE A 77 12.15 6.63 -1.02
CA ILE A 77 11.34 7.18 0.06
C ILE A 77 11.74 6.66 1.44
N ASN A 78 12.74 5.78 1.49
CA ASN A 78 13.23 5.25 2.76
C ASN A 78 14.45 6.01 3.25
N ILE A 79 14.69 7.20 2.69
CA ILE A 79 15.78 8.04 3.15
C ILE A 79 15.38 8.74 4.43
N ASN A 80 16.30 9.49 5.01
CA ASN A 80 16.10 10.08 6.34
C ASN A 80 15.59 11.51 6.30
N ASN A 81 16.04 12.27 5.30
CA ASN A 81 15.64 13.66 5.16
C ASN A 81 14.30 13.76 4.43
N ILE A 82 13.24 13.24 5.04
CA ILE A 82 11.93 13.23 4.42
C ILE A 82 10.80 13.06 5.43
N THR A 83 9.72 13.82 5.24
CA THR A 83 8.55 13.74 6.10
C THR A 83 7.50 12.81 5.48
N THR A 84 6.47 12.48 6.26
CA THR A 84 5.37 11.66 5.78
C THR A 84 4.59 12.34 4.65
N SER A 85 4.49 13.67 4.71
CA SER A 85 3.78 14.42 3.68
C SER A 85 4.53 14.38 2.36
N ASP A 86 5.87 14.37 2.43
CA ASP A 86 6.70 14.31 1.24
C ASP A 86 6.65 12.92 0.60
N ILE A 87 6.69 11.90 1.44
CA ILE A 87 6.57 10.52 0.97
C ILE A 87 5.24 10.36 0.25
N LYS A 88 4.19 10.87 0.87
CA LYS A 88 2.85 10.81 0.33
C LYS A 88 2.76 11.52 -1.02
N SER A 89 3.45 12.66 -1.13
CA SER A 89 3.46 13.44 -2.36
C SER A 89 4.18 12.69 -3.49
N LYS A 90 5.27 12.03 -3.16
CA LYS A 90 6.03 11.26 -4.15
C LYS A 90 5.20 10.11 -4.70
N ILE A 91 4.50 9.42 -3.80
CA ILE A 91 3.75 8.21 -4.16
C ILE A 91 2.47 8.54 -4.94
N ILE A 92 1.77 9.59 -4.53
CA ILE A 92 0.47 9.91 -5.12
C ILE A 92 0.60 10.53 -6.52
N GLU A 93 1.80 11.03 -6.84
CA GLU A 93 1.98 11.86 -8.03
C GLU A 93 1.53 11.19 -9.33
N ALA A 94 1.71 9.87 -9.43
CA ALA A 94 1.30 9.15 -10.63
C ALA A 94 -0.22 9.24 -10.80
N LEU A 95 -0.96 8.98 -9.73
CA LEU A 95 -2.42 9.00 -9.78
C LEU A 95 -3.00 10.37 -10.08
N LEU A 96 -2.31 11.43 -9.64
CA LEU A 96 -2.81 12.79 -9.80
C LEU A 96 -3.11 13.11 -11.27
N ILE A 97 -2.36 12.48 -12.18
CA ILE A 97 -2.50 12.74 -13.61
C ILE A 97 -2.98 11.51 -14.39
N ASP A 98 -2.79 10.32 -13.81
CA ASP A 98 -3.15 9.07 -14.48
C ASP A 98 -3.80 8.11 -13.50
N SER A 99 -5.12 8.00 -13.56
CA SER A 99 -5.89 7.24 -12.57
C SER A 99 -6.52 5.96 -13.14
N ARG A 100 -5.88 5.37 -14.14
CA ARG A 100 -6.27 4.04 -14.61
C ARG A 100 -6.15 3.04 -13.46
N PRO A 101 -6.98 1.98 -13.47
CA PRO A 101 -6.88 0.99 -12.39
C PRO A 101 -5.51 0.30 -12.30
N SER A 102 -4.81 0.19 -13.42
CA SER A 102 -3.49 -0.46 -13.42
C SER A 102 -2.50 0.33 -12.55
N VAL A 103 -2.60 1.65 -12.60
CA VAL A 103 -1.73 2.51 -11.79
C VAL A 103 -2.18 2.48 -10.33
N LYS A 104 -3.49 2.38 -10.11
CA LYS A 104 -4.02 2.25 -8.75
C LYS A 104 -3.47 0.98 -8.10
N LEU A 105 -3.47 -0.09 -8.88
CA LEU A 105 -2.97 -1.38 -8.40
C LEU A 105 -1.46 -1.31 -8.11
N ALA A 106 -0.73 -0.63 -8.98
CA ALA A 106 0.70 -0.44 -8.79
C ALA A 106 0.97 0.39 -7.55
N THR A 107 0.17 1.44 -7.36
CA THR A 107 0.33 2.33 -6.22
C THR A 107 0.01 1.60 -4.92
N LEU A 108 -1.08 0.85 -4.92
CA LEU A 108 -1.50 0.10 -3.75
C LEU A 108 -0.47 -0.97 -3.38
N SER A 109 0.05 -1.64 -4.40
CA SER A 109 1.02 -2.71 -4.20
C SER A 109 2.30 -2.16 -3.60
N PHE A 110 2.69 -0.96 -4.02
CA PHE A 110 3.87 -0.31 -3.49
C PHE A 110 3.67 0.06 -2.01
N ILE A 111 2.50 0.59 -1.69
CA ILE A 111 2.16 0.93 -0.32
C ILE A 111 2.18 -0.33 0.54
N SER A 112 1.70 -1.43 -0.03
CA SER A 112 1.73 -2.72 0.65
C SER A 112 3.17 -3.17 0.93
N LEU A 113 4.06 -2.94 -0.03
CA LEU A 113 5.47 -3.29 0.16
C LEU A 113 6.07 -2.50 1.31
N ILE A 114 5.74 -1.21 1.38
CA ILE A 114 6.27 -0.35 2.43
C ILE A 114 5.79 -0.84 3.80
N ALA A 115 4.51 -1.20 3.89
CA ALA A 115 3.95 -1.73 5.12
C ALA A 115 4.72 -2.96 5.58
N GLU A 116 5.05 -3.83 4.63
CA GLU A 116 5.80 -5.04 4.91
C GLU A 116 7.19 -4.74 5.48
N LYS A 117 7.80 -3.67 4.99
CA LYS A 117 9.20 -3.38 5.30
C LYS A 117 9.39 -2.51 6.54
N TRP A 118 8.35 -1.77 6.93
CA TRP A 118 8.43 -0.87 8.08
C TRP A 118 7.81 -1.49 9.33
N GLY A 119 8.14 -2.75 9.58
CA GLY A 119 7.61 -3.46 10.73
C GLY A 119 8.03 -2.88 12.08
N GLU A 120 9.17 -2.19 12.10
CA GLU A 120 9.69 -1.63 13.35
C GLU A 120 9.12 -0.23 13.63
N LYS A 121 8.58 0.41 12.60
CA LYS A 121 7.99 1.73 12.76
C LYS A 121 6.61 1.63 13.38
N ASN A 122 6.11 2.75 13.90
CA ASN A 122 4.73 2.82 14.32
C ASN A 122 3.82 2.69 13.11
N ARG A 123 2.85 1.79 13.24
CA ARG A 123 1.81 1.55 12.24
C ARG A 123 1.23 2.83 11.66
N ALA A 124 1.15 3.87 12.48
CA ALA A 124 0.60 5.15 12.06
C ALA A 124 1.36 5.76 10.88
N LYS A 125 2.67 5.53 10.81
CA LYS A 125 3.48 6.16 9.77
C LYS A 125 3.37 5.44 8.42
N ILE A 126 2.69 4.30 8.39
CA ILE A 126 2.31 3.69 7.13
C ILE A 126 0.87 4.11 6.81
N MET A 127 0.02 4.08 7.84
CA MET A 127 -1.41 4.33 7.63
C MET A 127 -1.70 5.78 7.24
N GLU A 128 -0.87 6.73 7.66
CA GLU A 128 -1.12 8.13 7.31
C GLU A 128 -0.51 8.47 5.94
N ILE A 129 0.17 7.51 5.32
CA ILE A 129 0.47 7.60 3.89
C ILE A 129 -0.82 7.32 3.13
N LEU A 130 -1.46 6.19 3.46
CA LEU A 130 -2.62 5.72 2.72
C LEU A 130 -3.87 6.55 2.96
N SER A 131 -4.11 6.93 4.20
CA SER A 131 -5.40 7.51 4.59
C SER A 131 -5.64 8.87 3.94
N ASN A 132 -6.91 9.25 3.89
CA ASN A 132 -7.36 10.49 3.28
C ASN A 132 -7.11 10.52 1.77
N GLU A 133 -6.12 11.28 1.32
CA GLU A 133 -6.00 11.60 -0.11
C GLU A 133 -5.73 10.41 -1.02
N ILE A 134 -4.81 9.53 -0.64
CA ILE A 134 -4.46 8.41 -1.51
C ILE A 134 -5.61 7.40 -1.58
N VAL A 135 -6.18 7.05 -0.43
CA VAL A 135 -7.25 6.06 -0.41
C VAL A 135 -8.49 6.59 -1.14
N GLU A 136 -8.72 7.91 -1.03
CA GLU A 136 -9.82 8.54 -1.77
C GLU A 136 -9.57 8.47 -3.26
N LYS A 137 -8.33 8.69 -3.66
CA LYS A 137 -7.97 8.73 -5.08
C LYS A 137 -8.14 7.35 -5.71
N ILE A 138 -7.77 6.31 -4.96
CA ILE A 138 -7.93 4.93 -5.42
C ILE A 138 -9.41 4.52 -5.39
N SER A 139 -10.12 4.95 -4.36
CA SER A 139 -11.51 4.53 -4.17
C SER A 139 -12.43 5.16 -5.21
N ASN A 140 -12.06 6.35 -5.69
CA ASN A 140 -12.75 7.00 -6.81
C ASN A 140 -12.98 6.00 -7.94
N ASN A 141 -14.22 5.92 -8.41
CA ASN A 141 -14.59 4.95 -9.44
C ASN A 141 -14.18 3.54 -9.02
N GLY A 142 -14.42 3.22 -7.75
CA GLY A 142 -14.04 1.94 -7.19
C GLY A 142 -14.54 0.76 -7.99
N LYS A 143 -15.71 0.91 -8.61
CA LYS A 143 -16.30 -0.14 -9.42
C LYS A 143 -15.35 -0.58 -10.53
N ASP A 144 -14.78 0.39 -11.24
CA ASP A 144 -13.83 0.11 -12.31
C ASP A 144 -12.59 -0.59 -11.74
N PHE A 145 -12.20 -0.22 -10.53
CA PHE A 145 -11.05 -0.85 -9.89
C PHE A 145 -11.37 -2.30 -9.55
N ILE A 146 -12.53 -2.54 -8.97
CA ILE A 146 -12.96 -3.90 -8.63
C ILE A 146 -13.04 -4.75 -9.90
N ASP A 147 -13.67 -4.20 -10.94
CA ASP A 147 -13.81 -4.89 -12.21
C ASP A 147 -12.45 -5.27 -12.79
N PHE A 148 -11.44 -4.45 -12.53
CA PHE A 148 -10.10 -4.69 -13.05
C PHE A 148 -9.44 -5.90 -12.42
N ILE A 149 -9.63 -6.09 -11.11
CA ILE A 149 -8.97 -7.17 -10.38
C ILE A 149 -9.86 -8.39 -10.17
N ASP A 150 -11.15 -8.25 -10.41
CA ASP A 150 -12.10 -9.36 -10.20
C ASP A 150 -12.40 -10.07 -11.52
N SER B 3 6.10 17.68 -18.51
CA SER B 3 7.46 17.75 -17.98
C SER B 3 7.75 16.49 -17.16
N THR B 4 8.68 16.60 -16.20
CA THR B 4 9.25 15.44 -15.54
C THR B 4 8.69 15.18 -14.15
N MET B 5 7.88 14.12 -14.04
CA MET B 5 7.45 13.59 -12.76
C MET B 5 8.64 13.26 -11.86
N GLY B 6 8.41 13.22 -10.55
CA GLY B 6 9.37 12.63 -9.65
C GLY B 6 9.54 11.18 -10.05
N GLN B 7 10.69 10.59 -9.71
CA GLN B 7 11.04 9.26 -10.19
C GLN B 7 10.02 8.20 -9.78
N VAL B 8 9.57 8.25 -8.53
CA VAL B 8 8.63 7.28 -8.00
C VAL B 8 7.34 7.23 -8.84
N GLY B 9 6.75 8.39 -9.09
CA GLY B 9 5.56 8.47 -9.92
C GLY B 9 5.85 8.03 -11.35
N ARG B 10 7.01 8.41 -11.84
CA ARG B 10 7.45 8.02 -13.18
C ARG B 10 7.48 6.49 -13.30
N GLN B 11 8.01 5.83 -12.28
CA GLN B 11 8.10 4.37 -12.29
C GLN B 11 6.75 3.67 -12.07
N LEU B 12 5.91 4.22 -11.20
CA LEU B 12 4.59 3.64 -10.97
C LEU B 12 3.75 3.68 -12.24
N ALA B 13 3.95 4.73 -13.04
CA ALA B 13 3.27 4.85 -14.32
C ALA B 13 3.83 3.83 -15.30
N ILE B 14 5.14 3.62 -15.26
CA ILE B 14 5.78 2.60 -16.08
C ILE B 14 5.22 1.22 -15.73
N ILE B 15 5.22 0.88 -14.44
CA ILE B 15 4.66 -0.40 -13.99
C ILE B 15 3.20 -0.50 -14.39
N GLY B 16 2.47 0.61 -14.22
CA GLY B 16 1.07 0.67 -14.58
C GLY B 16 0.81 0.31 -16.04
N ASP B 17 1.61 0.88 -16.93
CA ASP B 17 1.50 0.56 -18.35
C ASP B 17 1.74 -0.93 -18.59
N ASP B 18 2.75 -1.48 -17.93
CA ASP B 18 3.10 -2.87 -18.13
C ASP B 18 1.99 -3.76 -17.61
N ILE B 19 1.44 -3.44 -16.43
CA ILE B 19 0.32 -4.20 -15.89
C ILE B 19 -0.82 -4.26 -16.90
N ASN B 20 -1.16 -3.09 -17.45
CA ASN B 20 -2.20 -2.95 -18.45
C ASN B 20 -1.99 -3.87 -19.65
N ARG B 21 -0.73 -4.00 -20.07
CA ARG B 21 -0.40 -4.75 -21.28
C ARG B 21 -0.58 -6.26 -21.14
N ARG B 22 -0.36 -6.79 -19.94
CA ARG B 22 -0.39 -8.24 -19.73
C ARG B 22 -1.79 -8.68 -19.31
N TYR B 23 -2.48 -7.81 -18.57
CA TYR B 23 -3.86 -8.08 -18.17
C TYR B 23 -4.81 -8.09 -19.37
N ASP B 24 -4.29 -7.75 -20.55
CA ASP B 24 -5.06 -7.84 -21.79
C ASP B 24 -5.03 -9.26 -22.36
#